data_6ONJ
#
_entry.id   6ONJ
#
_cell.length_a   54.386
_cell.length_b   85.574
_cell.length_c   121.629
_cell.angle_alpha   90.000
_cell.angle_beta   90.000
_cell.angle_gamma   90.000
#
_symmetry.space_group_name_H-M   'C 2 2 21'
#
loop_
_entity.id
_entity.type
_entity.pdbx_description
1 polymer 'Peroxisome proliferator-activated receptor gamma'
2 polymer 'Mediator of RNA polymerase II transcription subunit 1, TRAP220 Coactivator Peptide'
3 non-polymer '2,4-THIAZOLIDIINEDIONE, 5-[[4-[2-(METHYL-2-PYRIDINYLAMINO)ETHOXY]PHENYL]METHYL]-(9CL)'
4 water water
#
loop_
_entity_poly.entity_id
_entity_poly.type
_entity_poly.pdbx_seq_one_letter_code
_entity_poly.pdbx_strand_id
1 'polypeptide(L)'
;QLNPESADLRALAKHLYDSYIKSFPLTKAKARAILTGKTTDKSPFVIYDMNSLMMGEDKIKFKHITPLQEQSKEVAIRIF
QGCQFRSVEAVQEITEYAKSIPGFVNLDLNDQVTLLKYGVHEIIYTMLASLMNKDGVLISEGQGFMTREFLKSLRKPFGD
FMEPKFEFAVKFNALELDDSDLAIFIAVIILSGDRPGLLNVKPIEDIQDNLLQALELQLKLNHPESSQLFAKLLQKMTDL
RQIVTEHVQLLQVIKKTETDMSLHPLLQEIYKDLY
;
A
2 'polypeptide(L)' NTKNHPMLMNLLKDNPAQD C
#
# COMPACT_ATOMS: atom_id res chain seq x y z
N GLU A 5 -5.11 13.82 25.96
CA GLU A 5 -4.87 15.24 25.73
C GLU A 5 -4.82 15.54 24.25
N SER A 6 -5.67 16.46 23.81
CA SER A 6 -5.79 16.79 22.40
C SER A 6 -4.44 17.22 21.81
N ALA A 7 -3.67 18.00 22.57
CA ALA A 7 -2.38 18.46 22.08
C ALA A 7 -1.38 17.32 21.89
N ASP A 8 -1.44 16.28 22.72
CA ASP A 8 -0.56 15.14 22.51
C ASP A 8 -0.95 14.35 21.27
N LEU A 9 -2.24 14.37 20.91
CA LEU A 9 -2.71 13.75 19.68
C LEU A 9 -2.42 14.61 18.46
N ARG A 10 -2.38 15.94 18.61
CA ARG A 10 -1.93 16.78 17.52
C ARG A 10 -0.42 16.67 17.32
N ALA A 11 0.32 16.32 18.36
CA ALA A 11 1.75 16.11 18.23
C ALA A 11 2.08 14.73 17.64
N LEU A 12 1.26 13.72 17.93
CA LEU A 12 1.41 12.43 17.25
C LEU A 12 1.04 12.55 15.76
N ALA A 13 -0.05 13.25 15.44
CA ALA A 13 -0.41 13.45 14.05
C ALA A 13 0.68 14.17 13.27
N LYS A 14 1.31 15.18 13.89
CA LYS A 14 2.33 15.96 13.19
C LYS A 14 3.59 15.13 12.94
N HIS A 15 4.01 14.37 13.95
CA HIS A 15 5.14 13.47 13.83
C HIS A 15 4.93 12.43 12.72
N LEU A 16 3.73 11.86 12.65
CA LEU A 16 3.46 10.87 11.61
C LEU A 16 3.44 11.53 10.23
N TYR A 17 2.85 12.72 10.11
CA TYR A 17 2.86 13.38 8.81
C TYR A 17 4.28 13.74 8.38
N ASP A 18 5.12 14.18 9.34
CA ASP A 18 6.53 14.47 9.02
C ASP A 18 7.26 13.21 8.58
N SER A 19 7.09 12.10 9.31
CA SER A 19 7.71 10.84 8.91
C SER A 19 7.18 10.34 7.57
N TYR A 20 5.88 10.55 7.33
CA TYR A 20 5.28 10.09 6.08
C TYR A 20 5.89 10.84 4.91
N ILE A 21 6.09 12.15 5.07
CA ILE A 21 6.75 12.94 4.04
C ILE A 21 8.18 12.45 3.82
N LYS A 22 8.85 12.07 4.90
CA LYS A 22 10.23 11.63 4.78
C LYS A 22 10.30 10.23 4.17
N SER A 23 9.27 9.40 4.35
CA SER A 23 9.35 8.01 3.94
C SER A 23 8.83 7.74 2.53
N PHE A 24 7.93 8.56 2.01
CA PHE A 24 7.21 8.26 0.77
C PHE A 24 7.44 9.37 -0.24
N PRO A 25 8.33 9.16 -1.23
CA PRO A 25 8.68 10.26 -2.14
C PRO A 25 7.51 10.74 -2.96
N LEU A 26 6.65 9.85 -3.44
CA LEU A 26 5.48 10.23 -4.23
C LEU A 26 4.24 10.25 -3.34
N THR A 27 3.92 11.44 -2.81
CA THR A 27 2.78 11.63 -1.92
C THR A 27 1.50 11.87 -2.71
N LYS A 28 0.38 11.90 -2.02
CA LYS A 28 -0.86 12.11 -2.75
C LYS A 28 -0.94 13.52 -3.34
N ALA A 29 -0.35 14.51 -2.66
CA ALA A 29 -0.40 15.89 -3.17
C ALA A 29 0.35 16.02 -4.50
N LYS A 30 1.50 15.38 -4.60
CA LYS A 30 2.28 15.39 -5.86
C LYS A 30 1.53 14.57 -6.90
N ALA A 31 0.95 13.46 -6.49
CA ALA A 31 0.21 12.61 -7.42
C ALA A 31 -1.00 13.36 -7.99
N ARG A 32 -1.73 14.06 -7.13
CA ARG A 32 -2.91 14.86 -7.53
C ARG A 32 -2.44 15.98 -8.46
N ALA A 33 -1.32 16.59 -8.15
CA ALA A 33 -0.81 17.67 -8.99
C ALA A 33 -0.46 17.17 -10.38
N ILE A 34 0.09 15.95 -10.49
CA ILE A 34 0.38 15.39 -11.80
C ILE A 34 -0.93 15.03 -12.52
N LEU A 35 -1.76 14.21 -11.86
CA LEU A 35 -2.97 13.71 -12.51
C LEU A 35 -3.88 14.83 -12.99
N THR A 36 -3.81 16.01 -12.37
CA THR A 36 -4.60 17.15 -12.81
C THR A 36 -3.78 17.88 -13.86
N SER A 43 4.69 16.00 -18.53
CA SER A 43 3.51 15.16 -18.77
C SER A 43 3.89 13.69 -18.87
N PRO A 44 3.20 12.81 -18.14
CA PRO A 44 3.61 11.40 -18.10
C PRO A 44 3.28 10.67 -19.38
N PHE A 45 4.10 9.69 -19.72
CA PHE A 45 3.87 8.91 -20.94
C PHE A 45 2.65 8.03 -20.73
N VAL A 46 1.65 8.19 -21.60
CA VAL A 46 0.39 7.44 -21.48
C VAL A 46 0.54 6.08 -22.14
N ILE A 47 0.41 5.01 -21.35
CA ILE A 47 0.38 3.65 -21.85
C ILE A 47 -1.06 3.19 -21.86
N TYR A 48 -1.63 2.99 -23.07
CA TYR A 48 -3.04 2.66 -23.25
C TYR A 48 -3.31 1.48 -24.16
N ASP A 49 -2.29 0.91 -24.81
CA ASP A 49 -2.48 -0.30 -25.60
C ASP A 49 -1.13 -0.97 -25.74
N MET A 50 -1.13 -2.10 -26.47
CA MET A 50 0.10 -2.87 -26.66
C MET A 50 1.22 -2.00 -27.22
N ASN A 51 0.91 -1.20 -28.23
CA ASN A 51 1.95 -0.44 -28.92
C ASN A 51 2.48 0.68 -28.04
N SER A 52 1.59 1.38 -27.34
CA SER A 52 2.01 2.40 -26.40
C SER A 52 2.76 1.81 -25.19
N LEU A 53 2.53 0.54 -24.84
CA LEU A 53 3.33 -0.05 -23.78
C LEU A 53 4.77 -0.30 -24.26
N MET A 54 4.93 -0.93 -25.44
CA MET A 54 6.27 -1.18 -25.96
C MET A 54 7.05 0.11 -26.12
N MET A 55 6.39 1.16 -26.59
CA MET A 55 7.01 2.47 -26.69
C MET A 55 7.40 3.03 -25.32
N GLY A 56 6.67 2.61 -24.26
CA GLY A 56 6.75 3.28 -22.98
C GLY A 56 7.99 3.00 -22.14
N GLU A 57 8.32 1.71 -22.07
CA GLU A 57 9.44 1.26 -21.22
C GLU A 57 10.79 1.63 -21.80
N ASP A 58 10.83 2.21 -23.00
CA ASP A 58 12.13 2.72 -23.45
C ASP A 58 12.08 4.18 -23.01
N LYS A 59 10.94 4.83 -23.24
CA LYS A 59 10.82 6.26 -22.84
C LYS A 59 11.05 6.36 -21.33
N ILE A 60 10.29 5.57 -20.57
CA ILE A 60 10.38 5.51 -19.09
C ILE A 60 11.51 4.56 -18.73
N LYS A 63 11.76 2.54 -14.13
CA LYS A 63 11.92 2.05 -12.75
C LYS A 63 11.77 0.53 -12.81
N HIS A 64 12.69 -0.12 -13.51
CA HIS A 64 12.80 -1.60 -13.58
C HIS A 64 14.24 -1.87 -13.96
N ILE A 65 14.97 -2.59 -13.12
CA ILE A 65 16.38 -2.93 -13.47
C ILE A 65 16.62 -4.42 -13.24
N THR A 66 17.25 -5.09 -14.17
CA THR A 66 17.64 -6.52 -14.06
C THR A 66 18.72 -6.82 -15.11
N PRO A 67 19.15 -8.08 -15.30
CA PRO A 67 20.07 -8.45 -16.37
C PRO A 67 19.64 -8.02 -17.78
N LEU A 68 18.33 -8.01 -18.06
CA LEU A 68 17.69 -7.68 -19.34
C LEU A 68 16.97 -6.34 -19.22
N GLU A 74 6.06 -11.48 -22.92
CA GLU A 74 4.56 -11.40 -22.92
C GLU A 74 4.18 -10.15 -22.11
N VAL A 75 3.40 -9.25 -22.68
CA VAL A 75 3.12 -7.96 -21.98
C VAL A 75 2.53 -8.13 -20.58
N ALA A 76 1.59 -9.02 -20.37
CA ALA A 76 0.96 -9.16 -19.07
C ALA A 76 1.98 -9.48 -17.99
N ILE A 77 2.88 -10.43 -18.28
CA ILE A 77 3.93 -10.77 -17.33
C ILE A 77 4.80 -9.55 -17.05
N ARG A 78 5.20 -8.83 -18.10
CA ARG A 78 6.10 -7.68 -17.96
C ARG A 78 5.50 -6.64 -17.03
N ILE A 79 4.24 -6.26 -17.29
CA ILE A 79 3.54 -5.31 -16.43
C ILE A 79 3.49 -5.83 -15.00
N PHE A 80 3.29 -7.13 -14.85
CA PHE A 80 3.28 -7.74 -13.54
C PHE A 80 4.64 -7.59 -12.84
N GLN A 81 5.74 -7.77 -13.59
CA GLN A 81 7.03 -7.59 -12.97
C GLN A 81 7.31 -6.12 -12.70
N GLY A 82 6.69 -5.23 -13.47
CA GLY A 82 6.75 -3.82 -13.16
C GLY A 82 6.15 -3.52 -11.81
N CYS A 83 4.95 -4.07 -11.56
CA CYS A 83 4.29 -3.85 -10.27
C CYS A 83 5.07 -4.49 -9.13
N GLN A 84 5.58 -5.71 -9.33
CA GLN A 84 6.42 -6.35 -8.32
C GLN A 84 7.60 -5.45 -7.93
N PHE A 85 8.30 -4.93 -8.93
CA PHE A 85 9.41 -4.03 -8.65
C PHE A 85 8.96 -2.83 -7.85
N ARG A 86 7.78 -2.29 -8.19
CA ARG A 86 7.23 -1.17 -7.43
C ARG A 86 6.91 -1.58 -6.00
N SER A 87 6.27 -2.74 -5.81
CA SER A 87 6.01 -3.27 -4.47
C SER A 87 7.26 -3.30 -3.60
N VAL A 88 8.33 -3.95 -4.09
CA VAL A 88 9.52 -4.15 -3.26
C VAL A 88 9.99 -2.83 -2.69
N GLU A 89 10.01 -1.78 -3.53
CA GLU A 89 10.40 -0.47 -3.02
C GLU A 89 9.32 0.15 -2.13
N ALA A 90 8.04 -0.19 -2.33
CA ALA A 90 6.99 0.30 -1.45
C ALA A 90 7.13 -0.30 -0.05
N VAL A 91 7.34 -1.62 0.03
CA VAL A 91 7.62 -2.26 1.32
C VAL A 91 8.73 -1.54 2.07
N GLN A 92 9.79 -1.16 1.34
CA GLN A 92 10.93 -0.50 2.00
C GLN A 92 10.54 0.86 2.55
N GLU A 93 9.70 1.61 1.82
CA GLU A 93 9.21 2.87 2.35
C GLU A 93 8.29 2.63 3.54
N ILE A 94 7.41 1.63 3.43
CA ILE A 94 6.46 1.38 4.50
C ILE A 94 7.20 0.92 5.75
N THR A 95 8.19 0.05 5.59
CA THR A 95 8.99 -0.39 6.73
C THR A 95 9.66 0.79 7.42
N GLU A 96 10.29 1.68 6.63
CA GLU A 96 10.89 2.87 7.21
C GLU A 96 9.86 3.76 7.89
N TYR A 97 8.61 3.76 7.39
CA TYR A 97 7.58 4.54 8.06
C TYR A 97 7.11 3.88 9.34
N ALA A 98 6.91 2.56 9.30
CA ALA A 98 6.44 1.85 10.49
C ALA A 98 7.39 2.07 11.67
N LYS A 99 8.69 2.10 11.40
CA LYS A 99 9.74 2.22 12.44
C LYS A 99 9.62 3.56 13.16
N SER A 100 9.02 4.55 12.54
CA SER A 100 8.83 5.85 13.16
C SER A 100 7.53 5.95 13.95
N ILE A 101 6.70 4.92 13.93
CA ILE A 101 5.45 5.00 14.68
C ILE A 101 5.77 4.73 16.14
N PRO A 102 5.56 5.71 17.03
CA PRO A 102 6.04 5.58 18.42
C PRO A 102 5.59 4.29 19.08
N GLY A 103 6.55 3.48 19.50
CA GLY A 103 6.29 2.22 20.16
C GLY A 103 6.39 1.01 19.27
N PHE A 104 6.43 1.20 17.95
CA PHE A 104 6.53 0.05 17.06
C PHE A 104 7.86 -0.68 17.25
N VAL A 105 8.96 0.07 17.42
CA VAL A 105 10.26 -0.60 17.52
C VAL A 105 10.48 -1.19 18.91
N ASN A 106 9.45 -1.16 19.76
CA ASN A 106 9.50 -1.91 21.01
C ASN A 106 8.80 -3.25 20.96
N LEU A 107 7.85 -3.43 20.05
CA LEU A 107 7.11 -4.67 20.03
C LEU A 107 8.07 -5.84 19.80
N ASP A 108 7.71 -6.99 20.31
CA ASP A 108 8.43 -8.22 20.00
C ASP A 108 8.80 -8.24 18.52
N LEU A 109 10.11 -8.23 18.24
CA LEU A 109 10.60 -8.22 16.87
C LEU A 109 9.88 -9.23 15.99
N ASN A 110 9.46 -10.35 16.57
CA ASN A 110 8.59 -11.28 15.85
C ASN A 110 7.31 -10.60 15.39
N ASP A 111 6.75 -9.76 16.27
CA ASP A 111 5.45 -9.16 15.98
C ASP A 111 5.58 -7.93 15.10
N GLN A 112 6.71 -7.21 15.16
CA GLN A 112 6.99 -6.23 14.14
C GLN A 112 6.92 -6.88 12.77
N VAL A 113 7.59 -8.02 12.62
CA VAL A 113 7.61 -8.76 11.36
C VAL A 113 6.20 -9.18 10.96
N THR A 114 5.37 -9.58 11.93
CA THR A 114 4.02 -10.02 11.60
C THR A 114 3.13 -8.85 11.19
N LEU A 115 3.30 -7.70 11.84
CA LEU A 115 2.52 -6.53 11.44
C LEU A 115 2.90 -6.09 10.04
N LEU A 116 4.21 -5.91 9.79
CA LEU A 116 4.71 -5.67 8.43
C LEU A 116 4.11 -6.67 7.45
N LYS A 117 4.21 -7.95 7.78
CA LYS A 117 3.81 -8.99 6.83
C LYS A 117 2.35 -8.82 6.40
N TYR A 118 1.45 -8.60 7.35
CA TYR A 118 0.03 -8.51 7.05
C TYR A 118 -0.41 -7.09 6.70
N GLY A 119 0.37 -6.09 7.08
CA GLY A 119 0.00 -4.73 6.78
C GLY A 119 0.48 -4.18 5.45
N VAL A 120 1.52 -4.76 4.85
CA VAL A 120 2.24 -4.01 3.82
C VAL A 120 1.41 -3.87 2.54
N HIS A 121 0.71 -4.92 2.12
CA HIS A 121 -0.11 -4.78 0.92
C HIS A 121 -1.32 -3.89 1.16
N GLU A 122 -1.89 -3.89 2.36
CA GLU A 122 -3.02 -3.00 2.63
C GLU A 122 -2.62 -1.55 2.49
N ILE A 123 -1.42 -1.19 2.97
CA ILE A 123 -0.88 0.15 2.78
C ILE A 123 -0.62 0.43 1.31
N ILE A 124 -0.05 -0.56 0.59
CA ILE A 124 0.26 -0.38 -0.83
C ILE A 124 -1.01 0.00 -1.59
N TYR A 125 -2.09 -0.77 -1.40
CA TYR A 125 -3.34 -0.49 -2.11
C TYR A 125 -3.97 0.83 -1.65
N THR A 126 -3.86 1.15 -0.35
CA THR A 126 -4.29 2.46 0.13
C THR A 126 -3.56 3.57 -0.60
N MET A 127 -2.25 3.44 -0.74
CA MET A 127 -1.48 4.52 -1.33
C MET A 127 -1.55 4.48 -2.85
N LEU A 128 -1.77 3.30 -3.41
CA LEU A 128 -2.05 3.20 -4.84
C LEU A 128 -3.27 4.05 -5.22
N ALA A 129 -4.27 4.13 -4.34
CA ALA A 129 -5.46 4.91 -4.65
C ALA A 129 -5.11 6.38 -4.87
N SER A 130 -4.10 6.87 -4.16
CA SER A 130 -3.61 8.24 -4.37
C SER A 130 -3.15 8.47 -5.80
N LEU A 131 -2.68 7.43 -6.50
CA LEU A 131 -2.17 7.59 -7.85
C LEU A 131 -3.21 7.27 -8.90
N MET A 132 -4.43 6.92 -8.49
CA MET A 132 -5.48 6.49 -9.40
C MET A 132 -6.51 7.57 -9.57
N ASN A 133 -7.09 7.63 -10.77
CA ASN A 133 -8.40 8.20 -11.03
C ASN A 133 -9.22 7.11 -11.71
N LYS A 134 -10.48 7.42 -12.04
CA LYS A 134 -11.37 6.43 -12.65
C LYS A 134 -10.84 5.86 -13.96
N ASP A 135 -9.79 6.41 -14.55
CA ASP A 135 -9.32 5.96 -15.86
C ASP A 135 -7.90 5.42 -15.93
N GLY A 136 -7.09 5.58 -14.88
CA GLY A 136 -5.81 4.90 -14.85
C GLY A 136 -4.99 5.24 -13.62
N VAL A 137 -3.70 4.89 -13.68
CA VAL A 137 -2.84 4.95 -12.52
C VAL A 137 -1.47 5.49 -12.90
N LEU A 138 -0.93 6.37 -12.06
CA LEU A 138 0.45 6.80 -12.19
C LEU A 138 1.40 5.65 -11.91
N ILE A 139 2.35 5.44 -12.81
CA ILE A 139 3.37 4.41 -12.68
C ILE A 139 4.73 5.08 -12.67
N SER A 140 5.72 4.37 -12.14
CA SER A 140 7.12 4.74 -12.18
C SER A 140 7.35 6.19 -11.72
N GLU A 141 6.95 6.45 -10.47
CA GLU A 141 7.09 7.73 -9.79
C GLU A 141 6.42 8.87 -10.55
N GLY A 142 5.43 8.57 -11.38
CA GLY A 142 4.65 9.61 -12.02
C GLY A 142 5.10 10.01 -13.41
N GLN A 143 6.09 9.31 -13.97
CA GLN A 143 6.53 9.55 -15.33
C GLN A 143 5.67 8.83 -16.34
N GLY A 144 4.79 7.93 -15.89
CA GLY A 144 3.90 7.22 -16.77
C GLY A 144 2.49 7.21 -16.21
N PHE A 145 1.56 6.84 -17.07
CA PHE A 145 0.16 6.70 -16.71
C PHE A 145 -0.37 5.54 -17.53
N MET A 146 -0.67 4.44 -16.83
CA MET A 146 -1.20 3.25 -17.46
C MET A 146 -2.72 3.25 -17.32
N THR A 147 -3.42 3.05 -18.43
CA THR A 147 -4.87 3.24 -18.41
C THR A 147 -5.56 2.02 -17.79
N ARG A 148 -6.66 2.29 -17.09
CA ARG A 148 -7.47 1.21 -16.54
C ARG A 148 -8.02 0.30 -17.64
N GLU A 149 -8.44 0.88 -18.76
CA GLU A 149 -8.95 0.08 -19.87
C GLU A 149 -7.93 -0.95 -20.32
N PHE A 150 -6.69 -0.50 -20.58
CA PHE A 150 -5.63 -1.40 -21.02
C PHE A 150 -5.38 -2.49 -20.00
N LEU A 151 -5.24 -2.10 -18.72
CA LEU A 151 -5.04 -3.12 -17.68
C LEU A 151 -6.17 -4.14 -17.70
N LYS A 152 -7.41 -3.68 -17.93
CA LYS A 152 -8.56 -4.57 -18.04
C LYS A 152 -8.49 -5.44 -19.30
N SER A 153 -7.96 -4.90 -20.40
CA SER A 153 -7.92 -5.69 -21.63
C SER A 153 -6.97 -6.86 -21.57
N LEU A 154 -6.10 -6.93 -20.57
CA LEU A 154 -5.09 -7.97 -20.53
C LEU A 154 -5.72 -9.35 -20.47
N ARG A 155 -4.97 -10.37 -20.82
CA ARG A 155 -5.51 -11.73 -20.95
C ARG A 155 -5.56 -12.51 -19.64
N LYS A 156 -6.10 -13.71 -19.75
CA LYS A 156 -6.26 -14.80 -18.77
C LYS A 156 -6.80 -14.24 -17.49
N PRO A 157 -6.03 -14.28 -16.39
CA PRO A 157 -6.44 -13.66 -15.15
C PRO A 157 -5.69 -12.35 -14.88
N PHE A 158 -4.85 -11.88 -15.79
CA PHE A 158 -4.09 -10.63 -15.57
C PHE A 158 -5.00 -9.42 -15.69
N GLY A 159 -6.03 -9.51 -16.51
CA GLY A 159 -6.98 -8.43 -16.67
C GLY A 159 -7.84 -8.18 -15.46
N ASP A 160 -7.75 -9.05 -14.45
CA ASP A 160 -8.48 -8.93 -13.20
C ASP A 160 -7.61 -8.52 -12.02
N PHE A 161 -6.29 -8.44 -12.18
CA PHE A 161 -5.42 -8.01 -11.10
C PHE A 161 -5.82 -6.64 -10.57
N MET A 162 -5.98 -5.67 -11.48
CA MET A 162 -6.02 -4.27 -11.09
C MET A 162 -7.44 -3.79 -10.84
N GLU A 163 -8.40 -4.35 -11.55
CA GLU A 163 -9.77 -3.85 -11.50
C GLU A 163 -10.32 -3.69 -10.08
N PRO A 164 -10.17 -4.64 -9.15
CA PRO A 164 -10.67 -4.40 -7.79
C PRO A 164 -9.97 -3.24 -7.09
N LYS A 165 -8.71 -3.00 -7.42
CA LYS A 165 -8.00 -1.86 -6.86
C LYS A 165 -8.61 -0.56 -7.35
N PHE A 166 -8.94 -0.50 -8.65
CA PHE A 166 -9.56 0.70 -9.22
C PHE A 166 -10.91 0.97 -8.60
N GLU A 167 -11.71 -0.09 -8.39
CA GLU A 167 -13.03 0.09 -7.79
C GLU A 167 -12.91 0.55 -6.35
N PHE A 168 -11.96 -0.03 -5.59
CA PHE A 168 -11.71 0.48 -4.25
C PHE A 168 -11.28 1.93 -4.30
N ALA A 169 -10.31 2.27 -5.17
CA ALA A 169 -9.75 3.62 -5.18
C ALA A 169 -10.80 4.66 -5.50
N VAL A 170 -11.69 4.36 -6.45
CA VAL A 170 -12.72 5.33 -6.79
C VAL A 170 -13.57 5.70 -5.57
N LYS A 171 -13.98 4.70 -4.78
CA LYS A 171 -14.78 4.97 -3.58
C LYS A 171 -13.96 5.63 -2.49
N PHE A 172 -12.73 5.16 -2.30
CA PHE A 172 -11.83 5.68 -1.28
C PHE A 172 -11.43 7.12 -1.60
N ASN A 173 -11.12 7.40 -2.86
CA ASN A 173 -10.76 8.75 -3.25
C ASN A 173 -11.91 9.74 -3.06
N ALA A 174 -13.16 9.27 -3.03
CA ALA A 174 -14.27 10.18 -2.75
C ALA A 174 -14.20 10.75 -1.35
N LEU A 175 -13.51 10.09 -0.41
CA LEU A 175 -13.38 10.64 0.92
C LEU A 175 -12.49 11.88 0.96
N GLU A 176 -11.73 12.14 -0.11
CA GLU A 176 -10.86 13.31 -0.22
C GLU A 176 -9.90 13.41 0.96
N LEU A 177 -9.30 12.30 1.33
CA LEU A 177 -8.28 12.35 2.35
C LEU A 177 -7.05 13.06 1.81
N ASP A 178 -6.32 13.74 2.69
CA ASP A 178 -5.04 14.30 2.32
C ASP A 178 -3.94 13.46 2.94
N ASP A 179 -2.70 13.86 2.69
CA ASP A 179 -1.57 13.09 3.16
C ASP A 179 -1.52 13.09 4.68
N SER A 180 -1.89 14.19 5.31
CA SER A 180 -1.88 14.22 6.78
C SER A 180 -2.90 13.23 7.33
N ASP A 181 -4.07 13.10 6.67
CA ASP A 181 -5.02 12.06 7.07
C ASP A 181 -4.43 10.67 6.89
N LEU A 182 -3.83 10.43 5.72
CA LEU A 182 -3.35 9.10 5.35
C LEU A 182 -2.22 8.63 6.25
N ALA A 183 -1.38 9.55 6.74
CA ALA A 183 -0.28 9.16 7.62
C ALA A 183 -0.79 8.44 8.86
N ILE A 184 -1.90 8.90 9.42
CA ILE A 184 -2.42 8.24 10.62
C ILE A 184 -3.23 6.99 10.24
N PHE A 185 -3.98 7.05 9.14
CA PHE A 185 -4.76 5.89 8.73
C PHE A 185 -3.85 4.70 8.46
N ILE A 186 -2.76 4.94 7.74
CA ILE A 186 -1.76 3.93 7.43
C ILE A 186 -1.18 3.35 8.73
N ALA A 187 -0.85 4.22 9.68
CA ALA A 187 -0.34 3.73 10.96
C ALA A 187 -1.39 2.89 11.69
N VAL A 188 -2.65 3.34 11.67
CA VAL A 188 -3.71 2.53 12.28
C VAL A 188 -3.72 1.13 11.68
N ILE A 189 -3.57 1.05 10.34
CA ILE A 189 -3.61 -0.24 9.66
C ILE A 189 -2.43 -1.12 10.10
N ILE A 190 -1.24 -0.56 10.21
CA ILE A 190 -0.09 -1.39 10.52
C ILE A 190 -0.27 -2.03 11.90
N LEU A 191 -0.73 -1.25 12.87
CA LEU A 191 -0.87 -1.71 14.25
C LEU A 191 -2.22 -2.34 14.50
N SER A 192 -2.57 -3.34 13.69
CA SER A 192 -3.77 -4.12 13.91
C SER A 192 -3.49 -5.27 14.88
N GLY A 193 -4.30 -5.39 15.92
CA GLY A 193 -4.06 -6.43 16.89
C GLY A 193 -4.58 -7.79 16.53
N ASP A 194 -5.36 -7.93 15.46
CA ASP A 194 -5.95 -9.21 15.10
C ASP A 194 -5.22 -9.89 13.93
N ARG A 195 -3.95 -9.58 13.71
CA ARG A 195 -3.20 -10.29 12.67
C ARG A 195 -2.92 -11.71 13.15
N PRO A 196 -3.09 -12.72 12.29
CA PRO A 196 -2.77 -14.10 12.71
C PRO A 196 -1.34 -14.21 13.23
N GLY A 197 -1.20 -14.90 14.36
CA GLY A 197 0.10 -15.29 14.87
C GLY A 197 0.76 -14.27 15.77
N LEU A 198 0.06 -13.22 16.16
CA LEU A 198 0.65 -12.24 17.05
C LEU A 198 0.91 -12.87 18.42
N LEU A 199 2.03 -12.50 19.03
CA LEU A 199 2.40 -13.00 20.36
C LEU A 199 1.81 -12.14 21.48
N ASN A 200 2.02 -10.82 21.38
CA ASN A 200 1.65 -9.82 22.38
C ASN A 200 0.65 -8.88 21.73
N VAL A 201 -0.64 -9.23 21.75
CA VAL A 201 -1.60 -8.31 21.13
C VAL A 201 -1.89 -7.11 22.04
N LYS A 202 -1.58 -7.21 23.33
CA LYS A 202 -1.95 -6.16 24.27
C LYS A 202 -1.26 -4.82 23.97
N PRO A 203 0.07 -4.73 23.88
CA PRO A 203 0.67 -3.41 23.59
C PRO A 203 0.43 -2.94 22.16
N ILE A 204 0.03 -3.84 21.25
CA ILE A 204 -0.28 -3.43 19.88
C ILE A 204 -1.61 -2.69 19.85
N GLU A 205 -2.62 -3.26 20.51
CA GLU A 205 -3.91 -2.60 20.59
C GLU A 205 -3.81 -1.27 21.31
N ASP A 206 -2.92 -1.16 22.31
CA ASP A 206 -2.79 0.09 23.03
C ASP A 206 -2.17 1.17 22.15
N ILE A 207 -1.21 0.79 21.30
CA ILE A 207 -0.68 1.75 20.33
C ILE A 207 -1.77 2.13 19.34
N GLN A 208 -2.47 1.12 18.80
CA GLN A 208 -3.51 1.37 17.81
C GLN A 208 -4.63 2.22 18.38
N ASP A 209 -5.00 1.96 19.64
CA ASP A 209 -6.09 2.72 20.25
C ASP A 209 -5.77 4.20 20.28
N ASN A 210 -4.51 4.55 20.58
CA ASN A 210 -4.16 5.97 20.59
C ASN A 210 -4.04 6.54 19.18
N LEU A 211 -3.62 5.73 18.20
CA LEU A 211 -3.62 6.19 16.81
C LEU A 211 -5.03 6.48 16.33
N LEU A 212 -5.99 5.67 16.76
CA LEU A 212 -7.38 5.89 16.37
C LEU A 212 -7.93 7.18 16.98
N GLN A 213 -7.53 7.49 18.22
CA GLN A 213 -7.90 8.76 18.83
C GLN A 213 -7.27 9.93 18.08
N ALA A 214 -6.01 9.76 17.69
CA ALA A 214 -5.34 10.79 16.90
C ALA A 214 -6.00 10.94 15.54
N LEU A 215 -6.35 9.81 14.91
CA LEU A 215 -7.06 9.88 13.63
C LEU A 215 -8.41 10.58 13.80
N GLU A 216 -9.16 10.23 14.84
CA GLU A 216 -10.49 10.81 15.02
C GLU A 216 -10.41 12.33 15.20
N LEU A 217 -9.51 12.80 16.06
CA LEU A 217 -9.29 14.24 16.21
C LEU A 217 -8.79 14.85 14.90
N GLN A 218 -7.89 14.13 14.22
CA GLN A 218 -7.40 14.62 12.94
C GLN A 218 -8.54 14.82 11.94
N LEU A 219 -9.49 13.89 11.88
CA LEU A 219 -10.57 13.98 10.90
C LEU A 219 -11.58 15.06 11.25
N LYS A 220 -11.81 15.29 12.54
CA LYS A 220 -12.75 16.34 12.96
C LYS A 220 -12.12 17.73 12.72
N LEU A 221 -10.81 17.89 12.91
CA LEU A 221 -10.16 19.15 12.62
C LEU A 221 -10.07 19.40 11.12
N ASN A 222 -9.60 18.42 10.36
CA ASN A 222 -9.30 18.61 8.95
C ASN A 222 -10.50 18.41 8.03
N HIS A 223 -11.56 17.74 8.50
CA HIS A 223 -12.79 17.60 7.74
C HIS A 223 -13.99 17.90 8.62
N PRO A 224 -14.13 19.14 9.08
CA PRO A 224 -15.31 19.48 9.89
C PRO A 224 -16.63 19.25 9.18
N GLU A 225 -16.66 19.32 7.86
CA GLU A 225 -17.91 19.30 7.12
C GLU A 225 -18.46 17.90 6.85
N SER A 226 -17.64 16.86 6.90
CA SER A 226 -18.09 15.51 6.53
C SER A 226 -18.36 14.71 7.80
N SER A 227 -19.64 14.51 8.11
CA SER A 227 -20.03 13.70 9.25
C SER A 227 -19.67 12.24 9.00
N GLN A 228 -19.27 11.56 10.08
CA GLN A 228 -19.04 10.12 10.07
C GLN A 228 -17.96 9.72 9.07
N LEU A 229 -17.02 10.63 8.78
CA LEU A 229 -15.87 10.26 7.95
C LEU A 229 -15.02 9.21 8.65
N PHE A 230 -14.84 9.35 9.96
CA PHE A 230 -14.14 8.34 10.73
C PHE A 230 -14.80 6.97 10.53
N ALA A 231 -16.13 6.91 10.70
CA ALA A 231 -16.87 5.68 10.47
C ALA A 231 -16.63 5.13 9.06
N LYS A 232 -16.83 5.98 8.03
CA LYS A 232 -16.62 5.54 6.65
C LYS A 232 -15.18 5.08 6.43
N LEU A 233 -14.24 5.72 7.11
CA LEU A 233 -12.84 5.36 6.93
C LEU A 233 -12.53 3.99 7.50
N LEU A 234 -13.03 3.70 8.71
CA LEU A 234 -12.74 2.42 9.33
C LEU A 234 -13.34 1.27 8.56
N GLN A 235 -14.50 1.47 7.94
CA GLN A 235 -15.06 0.41 7.09
C GLN A 235 -14.18 0.13 5.89
N LYS A 236 -13.51 1.17 5.36
CA LYS A 236 -12.58 0.94 4.26
C LYS A 236 -11.42 0.01 4.68
N MET A 237 -11.07 0.00 5.97
CA MET A 237 -9.97 -0.84 6.41
C MET A 237 -10.28 -2.31 6.15
N THR A 238 -11.53 -2.71 6.33
CA THR A 238 -11.87 -4.09 6.06
C THR A 238 -11.91 -4.37 4.55
N ASP A 239 -12.38 -3.41 3.75
CA ASP A 239 -12.19 -3.47 2.29
C ASP A 239 -10.76 -3.85 1.91
N LEU A 240 -9.78 -3.16 2.51
CA LEU A 240 -8.37 -3.39 2.20
C LEU A 240 -7.95 -4.82 2.50
N ARG A 241 -8.34 -5.32 3.68
CA ARG A 241 -8.07 -6.72 4.01
C ARG A 241 -8.62 -7.68 2.95
N GLN A 242 -9.86 -7.44 2.50
CA GLN A 242 -10.46 -8.33 1.50
C GLN A 242 -9.74 -8.25 0.16
N ILE A 243 -9.36 -7.03 -0.26
CA ILE A 243 -8.63 -6.87 -1.51
C ILE A 243 -7.38 -7.74 -1.50
N VAL A 244 -6.62 -7.67 -0.40
CA VAL A 244 -5.38 -8.43 -0.27
C VAL A 244 -5.67 -9.93 -0.25
N THR A 245 -6.76 -10.34 0.40
CA THR A 245 -7.12 -11.75 0.46
C THR A 245 -7.50 -12.27 -0.93
N GLU A 246 -8.24 -11.45 -1.68
CA GLU A 246 -8.60 -11.83 -3.03
C GLU A 246 -7.40 -11.80 -3.97
N HIS A 247 -6.44 -10.91 -3.72
CA HIS A 247 -5.22 -10.91 -4.50
C HIS A 247 -4.38 -12.15 -4.20
N VAL A 248 -4.25 -12.47 -2.90
CA VAL A 248 -3.52 -13.68 -2.48
C VAL A 248 -3.97 -14.89 -3.28
N GLN A 249 -5.29 -15.07 -3.39
CA GLN A 249 -5.82 -16.24 -4.07
C GLN A 249 -5.57 -16.16 -5.57
N LEU A 250 -5.90 -15.03 -6.20
CA LEU A 250 -5.61 -14.87 -7.63
C LEU A 250 -4.12 -15.02 -7.92
N LEU A 251 -3.25 -14.75 -6.94
CA LEU A 251 -1.84 -15.05 -7.13
C LEU A 251 -1.59 -16.56 -7.10
N GLN A 252 -2.19 -17.26 -6.14
CA GLN A 252 -2.12 -18.71 -6.09
C GLN A 252 -2.88 -19.38 -7.23
N VAL A 253 -3.75 -18.67 -7.94
CA VAL A 253 -4.41 -19.27 -9.10
C VAL A 253 -3.42 -19.52 -10.22
N ILE A 254 -2.60 -18.51 -10.53
CA ILE A 254 -1.80 -18.53 -11.74
C ILE A 254 -0.37 -18.98 -11.49
N LYS A 255 -0.01 -19.28 -10.25
CA LYS A 255 1.23 -19.96 -9.97
C LYS A 255 1.22 -21.41 -10.48
N LYS A 256 0.07 -21.87 -10.98
CA LYS A 256 -0.09 -23.20 -11.57
C LYS A 256 -0.04 -23.16 -13.09
N THR A 257 -0.83 -22.26 -13.65
CA THR A 257 -0.89 -22.19 -15.12
C THR A 257 0.32 -21.43 -15.61
N GLU A 258 0.60 -20.30 -14.97
CA GLU A 258 1.72 -19.36 -15.30
C GLU A 258 3.07 -20.04 -15.08
N THR A 259 3.80 -20.25 -16.16
CA THR A 259 5.13 -20.84 -16.20
C THR A 259 6.13 -19.67 -16.08
N ASP A 260 5.82 -18.56 -16.71
CA ASP A 260 6.79 -17.44 -16.76
C ASP A 260 6.80 -16.53 -15.52
N MET A 261 6.09 -16.86 -14.44
CA MET A 261 6.22 -15.90 -13.31
C MET A 261 7.01 -16.53 -12.17
N SER A 262 7.91 -15.76 -11.58
CA SER A 262 8.74 -16.14 -10.44
C SER A 262 8.81 -14.91 -9.54
N LEU A 263 8.07 -14.93 -8.43
CA LEU A 263 7.90 -13.74 -7.61
C LEU A 263 9.22 -13.32 -6.98
N HIS A 264 9.41 -12.00 -6.90
CA HIS A 264 10.55 -11.43 -6.19
C HIS A 264 10.66 -12.08 -4.80
N PRO A 265 11.89 -12.34 -4.33
CA PRO A 265 12.04 -13.02 -3.03
C PRO A 265 11.35 -12.32 -1.86
N LEU A 266 11.51 -11.01 -1.73
CA LEU A 266 10.86 -10.27 -0.67
C LEU A 266 9.35 -10.53 -0.68
N LEU A 267 8.75 -10.61 -1.87
CA LEU A 267 7.31 -10.74 -1.98
C LEU A 267 6.85 -12.17 -1.72
N GLN A 268 7.62 -13.17 -2.17
CA GLN A 268 7.22 -14.55 -1.85
C GLN A 268 7.40 -14.83 -0.37
N GLU A 269 8.33 -14.14 0.29
CA GLU A 269 8.45 -14.23 1.73
C GLU A 269 7.24 -13.62 2.43
N ILE A 270 6.76 -12.46 1.96
CA ILE A 270 5.58 -11.82 2.56
C ILE A 270 4.34 -12.68 2.34
N TYR A 271 4.15 -13.14 1.12
CA TYR A 271 2.99 -13.91 0.74
C TYR A 271 2.99 -15.32 1.31
N LYS A 272 4.07 -15.74 1.99
CA LYS A 272 4.35 -17.16 2.19
C LYS A 272 3.16 -17.91 2.78
N ASP A 273 2.76 -17.61 4.00
CA ASP A 273 1.59 -18.27 4.55
C ASP A 273 0.48 -17.24 4.86
N LEU A 274 0.45 -16.20 4.03
CA LEU A 274 -0.43 -15.02 4.20
C LEU A 274 -1.90 -15.36 4.52
N TYR A 275 -2.61 -15.91 3.54
CA TYR A 275 -4.05 -16.13 3.62
C TYR A 275 -4.36 -17.50 2.99
N ASN B 1 6.68 -15.19 11.53
CA ASN B 1 7.50 -14.72 12.65
C ASN B 1 9.00 -14.68 12.29
N THR B 2 9.86 -14.35 13.27
CA THR B 2 11.26 -13.99 13.01
C THR B 2 12.05 -15.09 12.31
N LYS B 3 11.73 -16.37 12.57
CA LYS B 3 12.50 -17.49 12.01
C LYS B 3 12.55 -17.37 10.49
N ASN B 4 11.37 -17.50 9.90
CA ASN B 4 11.17 -17.15 8.48
C ASN B 4 11.22 -15.62 8.37
N HIS B 5 11.03 -15.10 7.19
CA HIS B 5 11.06 -13.67 6.97
C HIS B 5 12.41 -13.06 7.39
N PRO B 6 13.54 -13.52 6.81
CA PRO B 6 14.79 -12.80 7.03
C PRO B 6 14.83 -11.44 6.34
N MET B 7 14.22 -11.33 5.18
CA MET B 7 14.25 -10.04 4.44
C MET B 7 13.51 -8.97 5.23
N LEU B 8 12.37 -9.32 5.81
CA LEU B 8 11.65 -8.36 6.65
C LEU B 8 12.47 -7.96 7.87
N MET B 9 13.06 -8.95 8.55
CA MET B 9 13.90 -8.64 9.70
C MET B 9 15.01 -7.66 9.36
N ASN B 10 15.67 -7.86 8.21
CA ASN B 10 16.80 -7.00 7.86
C ASN B 10 16.35 -5.60 7.46
N LEU B 11 15.12 -5.42 6.95
CA LEU B 11 14.64 -4.07 6.71
C LEU B 11 14.31 -3.38 8.04
N LEU B 12 13.95 -4.17 9.03
CA LEU B 12 13.57 -3.69 10.37
C LEU B 12 14.82 -3.45 11.20
N LYS B 13 15.89 -4.18 10.92
CA LYS B 13 17.14 -4.07 11.70
C LYS B 13 17.61 -2.63 11.75
N ASP B 14 17.71 -1.94 10.63
CA ASP B 14 18.07 -0.51 10.65
C ASP B 14 17.28 0.21 9.54
#